data_4Y1M
#
_entry.id   4Y1M
#
_cell.length_a   159.384
_cell.length_b   159.384
_cell.length_c   277.108
_cell.angle_alpha   90.00
_cell.angle_beta   90.00
_cell.angle_gamma   120.00
#
_symmetry.space_group_name_H-M   'H 3 2'
#
loop_
_entity.id
_entity.type
_entity.pdbx_description
1 polymer 'E. coli yybP-ykoY riboswitch'
2 non-polymer 'STRONTIUM ION'
3 non-polymer 'MAGNESIUM ION'
4 non-polymer "GUANOSINE-5'-TRIPHOSPHATE"
5 water water
#
_entity_poly.entity_id   1
_entity_poly.type   'polyribonucleotide'
_entity_poly.pdbx_seq_one_letter_code
;GAUUUGGGGAGUAGCCGAUUUCCGAAAGGAAAUGUACGUGUCAACAUUUUCGUUGAAAAACGUGGCACGUACGGACUGAA
GAAAUUCAGUCAGGCGAGACCAUAUCC
;
_entity_poly.pdbx_strand_id   B,A
#